data_6GZT
#
_entry.id   6GZT
#
_cell.length_a   132.635
_cell.length_b   132.635
_cell.length_c   132.635
_cell.angle_alpha   90.00
_cell.angle_beta   90.00
_cell.angle_gamma   90.00
#
_symmetry.space_group_name_H-M   'I 2 3'
#
loop_
_entity.id
_entity.type
_entity.pdbx_description
1 polymer 'Deubiquitinase and deneddylase Dub1'
2 non-polymer GLYCEROL
3 non-polymer 'SULFATE ION'
4 non-polymer 'COENZYME A'
5 water water
#
_entity_poly.entity_id   1
_entity_poly.type   'polypeptide(L)'
_entity_poly.pdbx_seq_one_letter_code
;GPVKTQEDLLPLVPEQVFVEMYEDMARRQTIEALVPAWDSDIIFKCLCYFHTLYPGLIPLETFPPATIFNFKQKIISILE
DKKAVLRGEPIKGPLPICCSKENYRRHLQRTTLLPVFMWYHPTPKTLSDTMQTMKQLAIKGSVGASHWLLVIVDIQARRL
VYFDSLYNYVMPPENMKKELQSFAQQLDQVYPAYDSKKFSVKIAAKEVIQRGSGSSCGAWCCQFLHWYLKDPLTDALNDL
PVDSVERHENLASFVQACEAAVQDLPELSWPEA
;
_entity_poly.pdbx_strand_id   A
#
loop_
_chem_comp.id
_chem_comp.type
_chem_comp.name
_chem_comp.formula
COA non-polymer 'COENZYME A' 'C21 H36 N7 O16 P3 S'
GOL non-polymer GLYCEROL 'C3 H8 O3'
SO4 non-polymer 'SULFATE ION' 'O4 S -2'
#
# COMPACT_ATOMS: atom_id res chain seq x y z
N GLU A 7 16.40 58.59 -7.33
CA GLU A 7 16.08 57.31 -6.70
C GLU A 7 14.80 56.72 -7.27
N ASP A 8 14.56 55.44 -6.97
CA ASP A 8 13.35 54.76 -7.43
C ASP A 8 12.46 54.38 -6.25
N LEU A 9 11.15 54.40 -6.49
CA LEU A 9 10.19 54.08 -5.43
C LEU A 9 10.31 52.62 -4.98
N LEU A 10 10.66 52.42 -3.72
CA LEU A 10 10.77 51.09 -3.14
C LEU A 10 9.44 50.34 -3.24
N PRO A 11 9.48 49.07 -3.65
CA PRO A 11 8.26 48.25 -3.71
C PRO A 11 7.66 48.06 -2.32
N LEU A 12 6.33 48.01 -2.25
CA LEU A 12 5.63 47.76 -0.99
C LEU A 12 5.89 46.34 -0.49
N VAL A 13 6.19 46.21 0.81
CA VAL A 13 6.32 44.90 1.45
C VAL A 13 5.21 44.75 2.47
N PRO A 14 4.21 43.90 2.17
CA PRO A 14 3.05 43.74 3.05
C PRO A 14 3.44 43.29 4.46
N GLU A 15 2.69 43.73 5.46
CA GLU A 15 2.90 43.28 6.84
C GLU A 15 2.19 41.95 7.10
N GLN A 16 2.27 41.05 6.12
CA GLN A 16 1.81 39.69 6.26
C GLN A 16 2.89 38.76 5.73
N VAL A 17 3.62 38.14 6.66
CA VAL A 17 4.76 37.29 6.33
C VAL A 17 4.44 36.16 5.34
N PHE A 18 3.27 35.55 5.49
CA PHE A 18 2.97 34.31 4.75
C PHE A 18 1.95 34.46 3.63
N VAL A 19 1.53 35.68 3.34
CA VAL A 19 0.43 35.90 2.40
C VAL A 19 0.64 35.26 1.02
N GLU A 20 1.88 35.20 0.55
CA GLU A 20 2.17 34.63 -0.76
C GLU A 20 1.85 33.14 -0.81
N MET A 21 1.81 32.50 0.34
CA MET A 21 1.58 31.06 0.41
C MET A 21 0.17 30.67 0.86
N TYR A 22 -0.65 31.67 1.19
CA TYR A 22 -1.98 31.42 1.76
C TYR A 22 -2.77 30.39 0.99
N GLU A 23 -2.83 30.56 -0.32
CA GLU A 23 -3.61 29.68 -1.19
C GLU A 23 -3.12 28.23 -1.10
N ASP A 24 -1.83 28.04 -1.27
CA ASP A 24 -1.26 26.69 -1.18
C ASP A 24 -1.39 26.11 0.23
N MET A 25 -1.14 26.94 1.25
CA MET A 25 -1.30 26.50 2.63
C MET A 25 -2.74 26.08 2.93
N ALA A 26 -3.69 26.88 2.47
CA ALA A 26 -5.11 26.62 2.72
C ALA A 26 -5.54 25.30 2.07
N ARG A 27 -5.09 25.08 0.84
CA ARG A 27 -5.46 23.87 0.11
C ARG A 27 -4.89 22.64 0.79
N ARG A 28 -3.64 22.73 1.23
CA ARG A 28 -3.00 21.62 1.93
C ARG A 28 -3.70 21.33 3.25
N GLN A 29 -3.98 22.36 4.04
CA GLN A 29 -4.70 22.20 5.30
C GLN A 29 -6.04 21.50 5.08
N THR A 30 -6.77 21.92 4.05
CA THR A 30 -8.06 21.31 3.74
C THR A 30 -7.88 19.83 3.39
N ILE A 31 -6.83 19.55 2.62
CA ILE A 31 -6.57 18.19 2.17
C ILE A 31 -6.11 17.29 3.32
N GLU A 32 -5.16 17.75 4.12
CA GLU A 32 -4.71 17.02 5.30
C GLU A 32 -5.88 16.71 6.25
N ALA A 33 -6.83 17.64 6.34
CA ALA A 33 -8.00 17.46 7.21
C ALA A 33 -9.00 16.47 6.64
N LEU A 34 -9.12 16.44 5.31
CA LEU A 34 -10.02 15.51 4.65
C LEU A 34 -9.55 14.06 4.79
N VAL A 35 -8.27 13.82 4.56
CA VAL A 35 -7.71 12.47 4.63
C VAL A 35 -6.43 12.44 5.46
N PRO A 36 -6.56 12.15 6.76
CA PRO A 36 -5.41 12.02 7.65
C PRO A 36 -4.72 10.67 7.49
N ALA A 37 -3.61 10.49 8.19
CA ALA A 37 -2.78 9.30 8.03
C ALA A 37 -3.47 8.01 8.42
N TRP A 38 -3.27 6.98 7.61
CA TRP A 38 -3.70 5.63 7.94
C TRP A 38 -2.47 4.80 8.26
N ASP A 39 -2.37 4.35 9.51
CA ASP A 39 -1.24 3.55 9.96
C ASP A 39 -1.48 2.05 9.77
N SER A 40 -0.55 1.24 10.26
CA SER A 40 -0.60 -0.21 10.05
C SER A 40 -1.88 -0.89 10.53
N ASP A 41 -2.40 -0.45 11.68
CA ASP A 41 -3.54 -1.14 12.30
C ASP A 41 -4.87 -0.96 11.56
N ILE A 42 -5.15 0.26 11.11
CA ILE A 42 -6.38 0.50 10.36
C ILE A 42 -6.29 -0.12 8.98
N ILE A 43 -5.09 -0.13 8.40
CA ILE A 43 -4.88 -0.78 7.12
C ILE A 43 -5.19 -2.28 7.24
N PHE A 44 -4.74 -2.91 8.32
CA PHE A 44 -5.03 -4.32 8.53
C PHE A 44 -6.51 -4.59 8.68
N LYS A 45 -7.21 -3.75 9.44
CA LYS A 45 -8.65 -3.89 9.59
C LYS A 45 -9.36 -3.77 8.25
N CYS A 46 -8.92 -2.81 7.44
CA CYS A 46 -9.52 -2.61 6.12
C CYS A 46 -9.33 -3.84 5.24
N LEU A 47 -8.16 -4.47 5.35
CA LEU A 47 -7.86 -5.69 4.57
C LEU A 47 -8.73 -6.87 5.00
N CYS A 48 -8.88 -7.04 6.32
CA CYS A 48 -9.79 -8.06 6.85
C CYS A 48 -11.18 -7.84 6.28
N TYR A 49 -11.62 -6.60 6.29
CA TYR A 49 -12.91 -6.23 5.72
C TYR A 49 -12.96 -6.56 4.23
N PHE A 50 -11.90 -6.20 3.51
CA PHE A 50 -11.83 -6.48 2.07
C PHE A 50 -11.91 -7.98 1.78
N HIS A 51 -11.38 -8.80 2.69
CA HIS A 51 -11.42 -10.25 2.50
C HIS A 51 -12.86 -10.78 2.53
N THR A 52 -13.69 -10.20 3.40
CA THR A 52 -15.08 -10.62 3.48
C THR A 52 -15.82 -10.33 2.18
N LEU A 53 -15.38 -9.28 1.48
CA LEU A 53 -15.97 -8.89 0.21
C LEU A 53 -15.33 -9.62 -0.97
N TYR A 54 -14.04 -9.91 -0.82
CA TYR A 54 -13.28 -10.57 -1.89
C TYR A 54 -12.38 -11.67 -1.31
N PRO A 55 -12.96 -12.88 -1.11
CA PRO A 55 -12.30 -14.02 -0.48
C PRO A 55 -10.93 -14.37 -1.06
N GLY A 56 -10.64 -13.92 -2.28
CA GLY A 56 -9.35 -14.16 -2.89
C GLY A 56 -8.23 -13.36 -2.23
N LEU A 57 -8.59 -12.28 -1.56
CA LEU A 57 -7.58 -11.44 -0.91
C LEU A 57 -7.24 -12.01 0.46
N ILE A 58 -5.96 -12.27 0.69
CA ILE A 58 -5.49 -12.67 2.00
C ILE A 58 -5.08 -11.44 2.80
N PRO A 59 -5.68 -11.24 3.98
CA PRO A 59 -5.41 -10.01 4.74
C PRO A 59 -4.07 -10.05 5.48
N LEU A 60 -2.96 -9.95 4.74
CA LEU A 60 -1.64 -10.02 5.34
C LEU A 60 -1.44 -8.95 6.42
N GLU A 61 -0.83 -9.33 7.53
CA GLU A 61 -0.58 -8.41 8.64
C GLU A 61 0.45 -7.35 8.28
N THR A 62 0.24 -6.14 8.79
CA THR A 62 1.09 -5.00 8.49
C THR A 62 1.95 -4.65 9.70
N PHE A 63 2.08 -5.60 10.62
CA PHE A 63 2.84 -5.38 11.83
C PHE A 63 3.77 -6.56 12.10
N PRO A 64 5.05 -6.41 11.74
CA PRO A 64 5.59 -5.22 11.07
C PRO A 64 5.35 -5.28 9.57
N PRO A 65 5.32 -4.14 8.88
CA PRO A 65 5.07 -4.20 7.44
C PRO A 65 6.34 -4.59 6.70
N ALA A 66 6.21 -4.96 5.43
CA ALA A 66 7.38 -5.17 4.60
C ALA A 66 8.09 -3.84 4.34
N THR A 67 9.30 -3.93 3.81
CA THR A 67 10.08 -2.75 3.41
C THR A 67 10.69 -3.01 2.04
N ILE A 68 11.44 -2.05 1.52
CA ILE A 68 12.10 -2.24 0.23
C ILE A 68 13.23 -3.26 0.34
N PHE A 69 13.69 -3.51 1.57
CA PHE A 69 14.82 -4.42 1.79
C PHE A 69 14.41 -5.90 1.91
N ASN A 70 13.13 -6.16 2.17
CA ASN A 70 12.70 -7.54 2.39
C ASN A 70 11.37 -7.94 1.77
N PHE A 71 10.75 -7.06 0.97
CA PHE A 71 9.44 -7.38 0.41
C PHE A 71 9.48 -8.57 -0.54
N LYS A 72 10.58 -8.71 -1.26
CA LYS A 72 10.74 -9.82 -2.20
C LYS A 72 10.83 -11.15 -1.45
N GLN A 73 11.70 -11.19 -0.44
CA GLN A 73 11.83 -12.38 0.40
C GLN A 73 10.51 -12.72 1.08
N LYS A 74 9.76 -11.69 1.47
CA LYS A 74 8.48 -11.89 2.15
C LYS A 74 7.47 -12.54 1.21
N ILE A 75 7.42 -12.05 -0.02
CA ILE A 75 6.49 -12.60 -1.02
C ILE A 75 6.85 -14.04 -1.37
N ILE A 76 8.14 -14.31 -1.54
CA ILE A 76 8.62 -15.66 -1.86
C ILE A 76 8.29 -16.67 -0.76
N SER A 77 8.45 -16.28 0.50
CA SER A 77 8.10 -17.14 1.64
C SER A 77 6.61 -17.50 1.62
N ILE A 78 5.78 -16.51 1.31
CA ILE A 78 4.33 -16.72 1.27
C ILE A 78 3.91 -17.65 0.13
N LEU A 79 4.44 -17.40 -1.06
CA LEU A 79 4.11 -18.22 -2.23
C LEU A 79 4.62 -19.64 -2.09
N GLU A 80 5.78 -19.80 -1.45
CA GLU A 80 6.29 -21.15 -1.18
C GLU A 80 5.37 -21.87 -0.21
N ASP A 81 4.88 -21.15 0.80
CA ASP A 81 3.95 -21.72 1.76
C ASP A 81 2.59 -22.07 1.16
N LYS A 82 2.07 -21.24 0.26
CA LYS A 82 0.84 -21.56 -0.45
C LYS A 82 1.04 -22.81 -1.31
N LYS A 83 2.18 -22.89 -1.97
CA LYS A 83 2.55 -24.07 -2.76
C LYS A 83 2.56 -25.31 -1.86
N ALA A 84 3.10 -25.17 -0.66
CA ALA A 84 3.16 -26.28 0.29
C ALA A 84 1.78 -26.70 0.77
N VAL A 85 0.93 -25.73 1.10
CA VAL A 85 -0.42 -26.01 1.57
C VAL A 85 -1.24 -26.79 0.54
N LEU A 86 -1.10 -26.40 -0.72
CA LEU A 86 -1.83 -27.05 -1.82
C LEU A 86 -1.39 -28.50 -2.04
N ARG A 87 -0.25 -28.89 -1.47
CA ARG A 87 0.25 -30.25 -1.65
C ARG A 87 0.25 -31.04 -0.35
N GLY A 88 -0.29 -30.45 0.72
CA GLY A 88 -0.34 -31.12 2.01
C GLY A 88 1.01 -31.18 2.72
N GLU A 89 1.85 -30.19 2.45
CA GLU A 89 3.19 -30.13 3.02
C GLU A 89 3.25 -29.08 4.14
N PRO A 90 4.31 -29.13 4.97
CA PRO A 90 4.43 -28.12 6.04
C PRO A 90 4.83 -26.75 5.50
N ILE A 91 4.38 -25.70 6.20
CA ILE A 91 4.77 -24.34 5.84
C ILE A 91 6.01 -23.93 6.64
N LYS A 92 6.85 -23.10 6.04
CA LYS A 92 8.14 -22.76 6.64
C LYS A 92 8.29 -21.27 6.95
N GLY A 93 7.39 -20.47 6.40
CA GLY A 93 7.49 -19.02 6.55
C GLY A 93 7.03 -18.53 7.90
N PRO A 94 7.41 -17.28 8.25
CA PRO A 94 6.93 -16.66 9.49
C PRO A 94 5.41 -16.63 9.54
N LEU A 95 4.84 -16.91 10.72
CA LEU A 95 3.39 -17.02 10.88
C LEU A 95 2.78 -15.71 11.35
N PRO A 96 1.49 -15.48 11.03
CA PRO A 96 0.80 -14.28 11.51
C PRO A 96 0.57 -14.37 13.02
N ILE A 97 0.37 -13.23 13.67
CA ILE A 97 0.16 -13.22 15.12
C ILE A 97 -1.32 -13.25 15.49
N CYS A 98 -2.18 -12.76 14.60
CA CYS A 98 -3.62 -12.66 14.87
C CYS A 98 -4.45 -13.74 14.19
N CYS A 99 -3.80 -14.85 13.85
CA CYS A 99 -4.45 -15.90 13.09
C CYS A 99 -3.96 -17.26 13.57
N SER A 100 -4.86 -18.22 13.68
CA SER A 100 -4.45 -19.58 14.05
C SER A 100 -3.68 -20.18 12.89
N LYS A 101 -2.82 -21.14 13.18
CA LYS A 101 -2.00 -21.78 12.16
C LYS A 101 -2.86 -22.48 11.10
N GLU A 102 -3.98 -23.06 11.54
CA GLU A 102 -4.89 -23.77 10.64
C GLU A 102 -5.66 -22.82 9.73
N ASN A 103 -6.18 -21.74 10.30
CA ASN A 103 -6.88 -20.72 9.52
C ASN A 103 -5.94 -20.07 8.52
N TYR A 104 -4.68 -19.86 8.92
CA TYR A 104 -3.67 -19.33 8.02
C TYR A 104 -3.46 -20.25 6.82
N ARG A 105 -3.38 -21.57 7.07
CA ARG A 105 -3.27 -22.54 5.98
C ARG A 105 -4.49 -22.45 5.05
N ARG A 106 -5.67 -22.28 5.63
CA ARG A 106 -6.88 -22.13 4.83
C ARG A 106 -6.83 -20.87 3.95
N HIS A 107 -6.34 -19.78 4.51
CA HIS A 107 -6.20 -18.54 3.75
C HIS A 107 -5.23 -18.72 2.60
N LEU A 108 -4.11 -19.38 2.87
CA LEU A 108 -3.11 -19.67 1.85
C LEU A 108 -3.66 -20.53 0.72
N GLN A 109 -4.50 -21.49 1.07
CA GLN A 109 -5.09 -22.38 0.08
C GLN A 109 -6.01 -21.59 -0.85
N ARG A 110 -6.77 -20.67 -0.25
CA ARG A 110 -7.83 -19.94 -0.95
C ARG A 110 -7.34 -18.71 -1.71
N THR A 111 -6.26 -18.08 -1.24
CA THR A 111 -5.85 -16.78 -1.77
C THR A 111 -5.45 -16.77 -3.25
N THR A 112 -5.81 -15.68 -3.93
CA THR A 112 -5.40 -15.45 -5.31
C THR A 112 -4.68 -14.10 -5.43
N LEU A 113 -4.58 -13.38 -4.32
CA LEU A 113 -4.03 -12.03 -4.35
C LEU A 113 -3.37 -11.65 -3.03
N LEU A 114 -2.11 -11.23 -3.11
CA LEU A 114 -1.37 -10.76 -1.93
C LEU A 114 -1.27 -9.25 -1.94
N PRO A 115 -1.89 -8.60 -0.94
CA PRO A 115 -1.78 -7.15 -0.76
C PRO A 115 -0.59 -6.83 0.13
N VAL A 116 0.54 -6.52 -0.49
CA VAL A 116 1.78 -6.30 0.25
C VAL A 116 2.07 -4.82 0.44
N PHE A 117 1.79 -4.31 1.64
CA PHE A 117 2.10 -2.92 1.99
C PHE A 117 3.55 -2.79 2.41
N MET A 118 4.25 -1.83 1.81
CA MET A 118 5.64 -1.58 2.18
C MET A 118 5.75 -0.19 2.76
N TRP A 119 6.33 -0.10 3.95
CA TRP A 119 6.55 1.18 4.61
C TRP A 119 7.96 1.62 4.22
N TYR A 120 8.12 2.90 3.92
CA TYR A 120 9.38 3.39 3.40
C TYR A 120 9.77 4.74 3.98
N HIS A 121 11.07 4.92 4.18
CA HIS A 121 11.64 6.20 4.54
C HIS A 121 12.99 6.32 3.83
N PRO A 122 13.28 7.49 3.26
CA PRO A 122 14.51 7.72 2.48
C PRO A 122 15.81 7.49 3.26
N THR A 123 15.77 7.73 4.56
CA THR A 123 17.00 7.66 5.38
C THR A 123 17.53 6.25 5.72
N PRO A 124 16.69 5.38 6.33
CA PRO A 124 17.23 4.07 6.73
C PRO A 124 17.79 3.30 5.55
N LYS A 125 18.84 2.51 5.80
CA LYS A 125 19.47 1.75 4.73
C LYS A 125 19.43 0.24 5.02
N THR A 126 18.77 -0.15 6.11
CA THR A 126 18.56 -1.56 6.43
C THR A 126 17.14 -1.81 6.90
N LEU A 127 16.75 -3.08 6.94
CA LEU A 127 15.45 -3.47 7.50
C LEU A 127 15.33 -2.99 8.94
N SER A 128 16.36 -3.27 9.74
CA SER A 128 16.35 -2.94 11.16
C SER A 128 16.23 -1.44 11.40
N ASP A 129 17.00 -0.65 10.66
CA ASP A 129 16.96 0.80 10.81
C ASP A 129 15.63 1.38 10.33
N THR A 130 14.99 0.71 9.39
CA THR A 130 13.68 1.16 8.91
C THR A 130 12.64 0.97 10.01
N MET A 131 12.74 -0.15 10.71
CA MET A 131 11.83 -0.43 11.83
C MET A 131 12.06 0.55 12.98
N GLN A 132 13.33 0.86 13.23
CA GLN A 132 13.70 1.84 14.25
C GLN A 132 13.16 3.23 13.92
N THR A 133 13.30 3.63 12.66
CA THR A 133 12.76 4.90 12.19
C THR A 133 11.25 4.95 12.36
N MET A 134 10.60 3.84 12.03
CA MET A 134 9.16 3.70 12.19
C MET A 134 8.75 3.89 13.65
N LYS A 135 9.55 3.36 14.57
CA LYS A 135 9.24 3.46 15.99
C LYS A 135 9.37 4.89 16.51
N GLN A 136 10.47 5.56 16.15
CA GLN A 136 10.70 6.95 16.53
C GLN A 136 9.58 7.88 16.05
N LEU A 137 9.16 7.70 14.80
CA LEU A 137 8.11 8.56 14.23
C LEU A 137 6.76 8.30 14.91
N ALA A 138 6.49 7.04 15.24
CA ALA A 138 5.23 6.68 15.91
C ALA A 138 5.15 7.35 17.27
N ILE A 139 6.27 7.28 18.01
CA ILE A 139 6.37 7.83 19.35
C ILE A 139 6.14 9.35 19.39
N LYS A 140 6.64 10.06 18.39
CA LYS A 140 6.46 11.51 18.36
C LYS A 140 5.22 11.94 17.56
N GLY A 141 4.45 10.96 17.10
CA GLY A 141 3.23 11.22 16.37
C GLY A 141 3.44 11.94 15.05
N SER A 142 4.51 11.58 14.34
CA SER A 142 4.86 12.25 13.10
C SER A 142 4.93 11.29 11.90
N VAL A 143 4.41 11.75 10.77
CA VAL A 143 4.56 11.04 9.49
C VAL A 143 5.94 11.29 8.90
N GLY A 144 6.32 12.56 8.85
CA GLY A 144 7.62 12.94 8.34
C GLY A 144 7.76 12.60 6.87
N ALA A 145 8.96 12.17 6.47
CA ALA A 145 9.23 11.79 5.10
C ALA A 145 8.90 10.33 4.81
N SER A 146 8.09 9.72 5.68
CA SER A 146 7.71 8.31 5.51
C SER A 146 6.59 8.17 4.48
N HIS A 147 6.42 6.96 3.96
CA HIS A 147 5.49 6.75 2.85
C HIS A 147 5.00 5.30 2.80
N TRP A 148 3.75 5.09 2.42
CA TRP A 148 3.24 3.75 2.18
C TRP A 148 3.25 3.43 0.69
N LEU A 149 3.75 2.26 0.33
CA LEU A 149 3.68 1.75 -1.03
C LEU A 149 2.91 0.44 -1.03
N LEU A 150 2.26 0.14 -2.14
CA LEU A 150 1.55 -1.13 -2.29
C LEU A 150 2.11 -1.95 -3.45
N VAL A 151 2.47 -3.20 -3.17
CA VAL A 151 2.74 -4.17 -4.23
C VAL A 151 1.64 -5.21 -4.23
N ILE A 152 0.85 -5.25 -5.29
CA ILE A 152 -0.19 -6.26 -5.42
C ILE A 152 0.41 -7.46 -6.16
N VAL A 153 0.34 -8.64 -5.53
CA VAL A 153 0.74 -9.87 -6.20
C VAL A 153 -0.54 -10.59 -6.59
N ASP A 154 -0.95 -10.41 -7.84
CA ASP A 154 -2.13 -11.07 -8.36
C ASP A 154 -1.67 -12.42 -8.88
N ILE A 155 -1.95 -13.47 -8.11
CA ILE A 155 -1.49 -14.81 -8.42
C ILE A 155 -2.23 -15.38 -9.62
N GLN A 156 -3.54 -15.14 -9.68
CA GLN A 156 -4.39 -15.68 -10.74
C GLN A 156 -3.99 -15.13 -12.11
N ALA A 157 -3.73 -13.82 -12.18
CA ALA A 157 -3.34 -13.19 -13.44
C ALA A 157 -1.83 -13.20 -13.63
N ARG A 158 -1.11 -13.62 -12.59
CA ARG A 158 0.36 -13.54 -12.58
C ARG A 158 0.84 -12.14 -12.94
N ARG A 159 0.39 -11.17 -12.15
CA ARG A 159 0.72 -9.77 -12.37
C ARG A 159 1.20 -9.13 -11.06
N LEU A 160 2.33 -8.43 -11.13
CA LEU A 160 2.82 -7.63 -10.00
C LEU A 160 2.45 -6.17 -10.26
N VAL A 161 1.61 -5.59 -9.41
CA VAL A 161 1.23 -4.19 -9.58
C VAL A 161 1.85 -3.32 -8.48
N TYR A 162 2.66 -2.36 -8.89
CA TYR A 162 3.34 -1.46 -7.95
C TYR A 162 2.62 -0.10 -7.94
N PHE A 163 2.16 0.30 -6.77
CA PHE A 163 1.46 1.58 -6.64
C PHE A 163 2.16 2.56 -5.71
N ASP A 164 2.68 3.64 -6.30
CA ASP A 164 3.26 4.74 -5.54
C ASP A 164 2.43 6.00 -5.76
N SER A 165 1.67 6.39 -4.73
CA SER A 165 0.80 7.57 -4.83
C SER A 165 1.62 8.87 -5.02
N LEU A 166 2.91 8.80 -4.73
CA LEU A 166 3.83 9.91 -5.01
C LEU A 166 4.67 9.64 -6.26
N TYR A 167 4.25 8.64 -7.05
CA TYR A 167 4.81 8.39 -8.38
C TYR A 167 6.25 7.85 -8.47
N ASN A 168 7.20 8.57 -7.87
CA ASN A 168 8.60 8.16 -7.94
C ASN A 168 9.38 8.44 -6.66
N TYR A 169 8.71 8.30 -5.52
CA TYR A 169 9.29 8.64 -4.23
C TYR A 169 10.49 7.75 -3.86
N VAL A 170 10.43 6.47 -4.22
CA VAL A 170 11.50 5.54 -3.89
C VAL A 170 12.63 5.58 -4.92
N MET A 171 12.24 5.57 -6.19
CA MET A 171 13.18 5.54 -7.31
C MET A 171 12.37 5.83 -8.57
N PRO A 172 13.05 6.15 -9.69
CA PRO A 172 12.31 6.35 -10.94
C PRO A 172 11.53 5.10 -11.34
N PRO A 173 10.35 5.27 -11.95
CA PRO A 173 9.50 4.13 -12.34
C PRO A 173 10.25 3.07 -13.16
N GLU A 174 11.16 3.48 -14.03
CA GLU A 174 11.87 2.51 -14.86
C GLU A 174 12.84 1.66 -14.03
N ASN A 175 13.39 2.23 -12.97
CA ASN A 175 14.25 1.49 -12.06
C ASN A 175 13.47 0.46 -11.23
N MET A 176 12.28 0.82 -10.80
CA MET A 176 11.42 -0.11 -10.09
C MET A 176 10.88 -1.18 -11.03
N LYS A 177 10.61 -0.79 -12.27
CA LYS A 177 10.17 -1.75 -13.29
C LYS A 177 11.25 -2.80 -13.48
N LYS A 178 12.50 -2.37 -13.57
CA LYS A 178 13.62 -3.28 -13.77
C LYS A 178 13.75 -4.27 -12.61
N GLU A 179 13.72 -3.73 -11.39
CA GLU A 179 13.85 -4.54 -10.18
C GLU A 179 12.73 -5.56 -10.11
N LEU A 180 11.52 -5.12 -10.44
CA LEU A 180 10.35 -5.98 -10.35
C LEU A 180 10.29 -6.97 -11.50
N GLN A 181 10.89 -6.61 -12.62
CA GLN A 181 10.92 -7.52 -13.77
C GLN A 181 11.86 -8.69 -13.50
N SER A 182 13.02 -8.40 -12.90
CA SER A 182 13.92 -9.45 -12.41
C SER A 182 13.25 -10.32 -11.34
N PHE A 183 12.46 -9.69 -10.49
CA PHE A 183 11.75 -10.41 -9.43
C PHE A 183 10.68 -11.32 -10.05
N ALA A 184 10.01 -10.82 -11.07
CA ALA A 184 8.97 -11.59 -11.77
C ALA A 184 9.51 -12.89 -12.38
N GLN A 185 10.70 -12.82 -12.97
CA GLN A 185 11.27 -14.03 -13.55
C GLN A 185 11.71 -15.00 -12.45
N GLN A 186 12.06 -14.44 -11.29
CA GLN A 186 12.36 -15.27 -10.12
C GLN A 186 11.09 -15.99 -9.67
N LEU A 187 9.98 -15.27 -9.67
CA LEU A 187 8.69 -15.86 -9.28
C LEU A 187 8.23 -16.92 -10.29
N ASP A 188 8.66 -16.80 -11.54
CA ASP A 188 8.33 -17.80 -12.55
C ASP A 188 8.96 -19.15 -12.19
N GLN A 189 10.11 -19.10 -11.53
CA GLN A 189 10.77 -20.31 -11.04
C GLN A 189 10.22 -20.77 -9.70
N VAL A 190 9.95 -19.82 -8.81
CA VAL A 190 9.43 -20.12 -7.47
C VAL A 190 8.00 -20.66 -7.51
N TYR A 191 7.15 -20.00 -8.29
CA TYR A 191 5.74 -20.35 -8.36
C TYR A 191 5.35 -20.57 -9.81
N PRO A 192 5.84 -21.65 -10.42
CA PRO A 192 5.72 -21.85 -11.87
C PRO A 192 4.28 -22.03 -12.31
N ALA A 193 3.97 -21.59 -13.53
CA ALA A 193 2.65 -21.80 -14.12
C ALA A 193 2.66 -23.02 -15.01
N TYR A 194 1.52 -23.70 -15.12
CA TYR A 194 1.40 -24.88 -15.95
C TYR A 194 1.61 -24.56 -17.43
N ASP A 195 1.01 -23.47 -17.88
CA ASP A 195 1.09 -23.08 -19.29
C ASP A 195 2.33 -22.24 -19.61
N SER A 196 3.23 -22.10 -18.63
CA SER A 196 4.45 -21.30 -18.76
C SER A 196 4.19 -19.80 -18.96
N LYS A 197 3.01 -19.34 -18.57
CA LYS A 197 2.71 -17.90 -18.59
C LYS A 197 3.60 -17.17 -17.60
N LYS A 198 4.25 -16.10 -18.07
CA LYS A 198 5.20 -15.35 -17.25
C LYS A 198 4.51 -14.28 -16.39
N PHE A 199 5.01 -14.10 -15.17
CA PHE A 199 4.61 -12.96 -14.35
C PHE A 199 4.94 -11.68 -15.11
N SER A 200 3.96 -10.78 -15.20
CA SER A 200 4.18 -9.47 -15.81
C SER A 200 4.17 -8.39 -14.72
N VAL A 201 4.66 -7.20 -15.06
CA VAL A 201 4.78 -6.12 -14.11
C VAL A 201 4.04 -4.87 -14.59
N LYS A 202 3.29 -4.26 -13.68
CA LYS A 202 2.60 -3.00 -13.96
C LYS A 202 3.02 -1.94 -12.95
N ILE A 203 3.54 -0.82 -13.45
CA ILE A 203 3.75 0.36 -12.62
C ILE A 203 2.49 1.23 -12.75
N ALA A 204 1.68 1.26 -11.70
CA ALA A 204 0.31 1.79 -11.79
C ALA A 204 0.19 3.30 -12.02
N ALA A 205 1.02 4.09 -11.34
CA ALA A 205 0.88 5.54 -11.39
C ALA A 205 1.83 6.17 -12.41
N LYS A 206 1.27 6.96 -13.33
CA LYS A 206 2.07 7.66 -14.33
C LYS A 206 2.37 9.09 -13.89
N GLU A 207 1.68 9.53 -12.84
CA GLU A 207 1.83 10.89 -12.31
C GLU A 207 1.61 10.87 -10.79
N VAL A 208 1.95 11.95 -10.11
CA VAL A 208 1.69 12.07 -8.68
C VAL A 208 0.19 11.99 -8.44
N ILE A 209 -0.23 11.10 -7.55
CA ILE A 209 -1.64 10.88 -7.29
C ILE A 209 -2.13 11.73 -6.13
N GLN A 210 -1.37 11.76 -5.04
CA GLN A 210 -1.78 12.48 -3.84
C GLN A 210 -1.23 13.91 -3.75
N ARG A 211 -1.26 14.62 -4.87
CA ARG A 211 -0.80 16.00 -4.93
C ARG A 211 -1.49 16.84 -3.85
N GLY A 212 -0.69 17.55 -3.04
CA GLY A 212 -1.22 18.42 -2.01
C GLY A 212 -1.34 17.81 -0.63
N SER A 213 -0.91 16.55 -0.47
CA SER A 213 -1.03 15.85 0.80
C SER A 213 0.27 15.20 1.25
N GLY A 214 0.54 15.26 2.55
CA GLY A 214 1.68 14.55 3.11
C GLY A 214 1.25 13.41 4.02
N SER A 215 -0.02 13.04 3.93
CA SER A 215 -0.61 12.10 4.89
C SER A 215 -1.60 11.09 4.30
N SER A 216 -1.98 11.26 3.05
CA SER A 216 -3.04 10.42 2.49
C SER A 216 -2.57 9.12 1.82
N CYS A 217 -1.29 8.80 1.90
CA CYS A 217 -0.76 7.62 1.20
C CYS A 217 -1.43 6.28 1.56
N GLY A 218 -1.61 6.04 2.86
CA GLY A 218 -2.23 4.81 3.32
C GLY A 218 -3.63 4.60 2.75
N ALA A 219 -4.43 5.65 2.78
CA ALA A 219 -5.78 5.60 2.24
C ALA A 219 -5.77 5.41 0.72
N TRP A 220 -4.84 6.07 0.04
CA TRP A 220 -4.70 5.94 -1.42
C TRP A 220 -4.39 4.50 -1.82
N CYS A 221 -3.46 3.87 -1.09
CA CYS A 221 -3.11 2.47 -1.35
C CYS A 221 -4.34 1.58 -1.23
N CYS A 222 -5.13 1.80 -0.18
CA CYS A 222 -6.32 0.99 0.06
C CYS A 222 -7.41 1.25 -0.98
N GLN A 223 -7.53 2.51 -1.41
CA GLN A 223 -8.50 2.85 -2.45
C GLN A 223 -8.15 2.19 -3.78
N PHE A 224 -6.87 2.28 -4.16
CA PHE A 224 -6.41 1.66 -5.38
C PHE A 224 -6.63 0.14 -5.33
N LEU A 225 -6.31 -0.46 -4.19
CA LEU A 225 -6.53 -1.88 -3.99
C LEU A 225 -8.00 -2.24 -4.19
N HIS A 226 -8.89 -1.43 -3.64
CA HIS A 226 -10.32 -1.69 -3.78
C HIS A 226 -10.77 -1.54 -5.23
N TRP A 227 -10.24 -0.53 -5.93
CA TRP A 227 -10.50 -0.38 -7.36
C TRP A 227 -10.00 -1.59 -8.14
N TYR A 228 -8.82 -2.11 -7.75
CA TYR A 228 -8.26 -3.29 -8.40
C TYR A 228 -9.12 -4.52 -8.16
N LEU A 229 -9.66 -4.62 -6.95
CA LEU A 229 -10.53 -5.75 -6.60
C LEU A 229 -11.83 -5.70 -7.40
N LYS A 230 -12.30 -4.48 -7.68
CA LYS A 230 -13.51 -4.31 -8.49
C LYS A 230 -13.23 -4.62 -9.96
N ASP A 231 -12.02 -4.31 -10.41
CA ASP A 231 -11.62 -4.52 -11.78
C ASP A 231 -10.10 -4.54 -11.87
N PRO A 232 -9.52 -5.73 -12.10
CA PRO A 232 -8.07 -5.92 -12.18
C PRO A 232 -7.40 -5.20 -13.34
N LEU A 233 -8.21 -4.58 -14.19
CA LEU A 233 -7.70 -3.78 -15.30
C LEU A 233 -8.16 -2.34 -15.15
N THR A 234 -8.45 -1.95 -13.91
CA THR A 234 -8.97 -0.62 -13.61
C THR A 234 -8.12 0.51 -14.19
N ASP A 235 -8.79 1.49 -14.77
CA ASP A 235 -8.10 2.66 -15.31
C ASP A 235 -8.42 3.86 -14.42
N ALA A 236 -8.88 3.59 -13.20
CA ALA A 236 -9.37 4.61 -12.28
C ALA A 236 -8.39 5.78 -12.07
N LEU A 237 -7.10 5.49 -12.14
CA LEU A 237 -6.09 6.53 -11.95
C LEU A 237 -6.11 7.57 -13.08
N ASN A 238 -6.60 7.17 -14.25
CA ASN A 238 -6.70 8.08 -15.39
C ASN A 238 -8.00 8.89 -15.38
N ASP A 239 -8.97 8.44 -14.59
CA ASP A 239 -10.28 9.07 -14.54
C ASP A 239 -10.48 9.89 -13.27
N LEU A 240 -9.37 10.33 -12.67
CA LEU A 240 -9.42 11.12 -11.45
C LEU A 240 -9.73 12.58 -11.75
N PRO A 241 -10.44 13.26 -10.84
CA PRO A 241 -10.60 14.71 -10.94
C PRO A 241 -9.22 15.36 -10.99
N VAL A 242 -9.08 16.43 -11.78
CA VAL A 242 -7.81 17.13 -11.89
C VAL A 242 -7.51 17.90 -10.59
N ASP A 243 -8.56 18.39 -9.95
CA ASP A 243 -8.40 19.19 -8.73
C ASP A 243 -8.08 18.34 -7.50
N SER A 244 -6.93 18.61 -6.89
CA SER A 244 -6.42 17.83 -5.77
C SER A 244 -7.36 17.80 -4.56
N VAL A 245 -8.00 18.92 -4.27
CA VAL A 245 -8.97 18.96 -3.16
C VAL A 245 -10.15 18.04 -3.47
N GLU A 246 -10.62 18.09 -4.71
CA GLU A 246 -11.71 17.24 -5.14
C GLU A 246 -11.34 15.76 -5.03
N ARG A 247 -10.11 15.43 -5.45
CA ARG A 247 -9.58 14.07 -5.34
C ARG A 247 -9.70 13.56 -3.91
N HIS A 248 -9.28 14.39 -2.95
CA HIS A 248 -9.27 13.98 -1.55
C HIS A 248 -10.65 14.04 -0.91
N GLU A 249 -11.56 14.79 -1.52
CA GLU A 249 -12.96 14.79 -1.08
C GLU A 249 -13.59 13.42 -1.36
N ASN A 250 -13.31 12.88 -2.54
CA ASN A 250 -13.79 11.55 -2.90
C ASN A 250 -13.12 10.48 -2.05
N LEU A 251 -11.83 10.65 -1.80
CA LEU A 251 -11.08 9.72 -0.98
C LEU A 251 -11.59 9.75 0.46
N ALA A 252 -12.01 10.93 0.90
CA ALA A 252 -12.58 11.09 2.23
C ALA A 252 -13.86 10.28 2.37
N SER A 253 -14.66 10.25 1.31
CA SER A 253 -15.88 9.44 1.26
C SER A 253 -15.57 7.95 1.36
N PHE A 254 -14.49 7.52 0.71
CA PHE A 254 -14.04 6.14 0.79
C PHE A 254 -13.62 5.79 2.21
N VAL A 255 -12.77 6.63 2.79
CA VAL A 255 -12.28 6.45 4.15
C VAL A 255 -13.43 6.33 5.15
N GLN A 256 -14.39 7.24 5.05
CA GLN A 256 -15.56 7.23 5.93
C GLN A 256 -16.34 5.92 5.81
N ALA A 257 -16.54 5.48 4.57
CA ALA A 257 -17.25 4.22 4.32
C ALA A 257 -16.50 3.04 4.92
N CYS A 258 -15.18 3.03 4.76
CA CYS A 258 -14.33 1.98 5.30
C CYS A 258 -14.32 1.96 6.82
N GLU A 259 -14.15 3.14 7.41
CA GLU A 259 -14.08 3.24 8.87
C GLU A 259 -15.40 2.87 9.52
N ALA A 260 -16.50 3.12 8.82
CA ALA A 260 -17.82 2.71 9.32
C ALA A 260 -17.97 1.20 9.23
N ALA A 261 -17.46 0.61 8.17
CA ALA A 261 -17.64 -0.81 7.90
C ALA A 261 -16.86 -1.73 8.85
N VAL A 262 -15.74 -1.24 9.37
CA VAL A 262 -14.90 -2.03 10.25
C VAL A 262 -15.18 -1.73 11.73
N GLN A 263 -15.96 -0.68 11.97
CA GLN A 263 -16.26 -0.19 13.31
C GLN A 263 -16.65 -1.28 14.31
N ASP A 264 -17.48 -2.21 13.87
CA ASP A 264 -18.01 -3.25 14.75
C ASP A 264 -17.43 -4.63 14.42
N LEU A 265 -16.43 -4.66 13.55
CA LEU A 265 -15.75 -5.91 13.22
C LEU A 265 -14.66 -6.20 14.26
N PRO A 266 -14.41 -7.50 14.53
CA PRO A 266 -13.44 -7.91 15.56
C PRO A 266 -12.00 -7.44 15.33
N GLU A 267 -11.39 -6.92 16.38
CA GLU A 267 -10.03 -6.39 16.34
C GLU A 267 -9.01 -7.51 16.48
N LEU A 268 -7.85 -7.35 15.83
CA LEU A 268 -6.73 -8.26 16.01
C LEU A 268 -7.08 -9.73 15.76
N SER A 269 -7.85 -9.99 14.72
CA SER A 269 -8.15 -11.38 14.34
C SER A 269 -8.57 -11.50 12.87
N TRP A 270 -8.03 -12.52 12.20
CA TRP A 270 -8.36 -12.78 10.81
C TRP A 270 -9.78 -13.31 10.70
N PRO A 271 -10.51 -12.89 9.65
CA PRO A 271 -11.78 -13.54 9.35
C PRO A 271 -11.52 -14.97 8.90
N GLU A 272 -12.52 -15.85 9.01
CA GLU A 272 -12.36 -17.22 8.54
C GLU A 272 -12.16 -17.23 7.02
N ALA A 273 -11.31 -18.13 6.54
CA ALA A 273 -10.90 -18.12 5.13
C ALA A 273 -12.05 -18.31 4.17
C1 GOL B . 3.17 6.36 7.35
O1 GOL B . 2.35 7.31 6.70
C2 GOL B . 2.97 6.47 8.86
O2 GOL B . 2.36 5.30 9.36
C3 GOL B . 4.31 6.71 9.54
O3 GOL B . 4.13 7.02 10.91
C1 GOL C . 1.16 -6.46 3.73
O1 GOL C . -0.12 -6.21 4.30
C2 GOL C . 2.29 -6.52 4.75
O2 GOL C . 3.02 -5.32 4.71
C3 GOL C . 3.20 -7.68 4.37
O3 GOL C . 4.00 -8.05 5.49
C1 GOL D . -3.26 -3.26 -13.82
O1 GOL D . -4.01 -4.17 -14.58
C2 GOL D . -3.72 -1.83 -14.10
O2 GOL D . -5.12 -1.80 -14.31
C3 GOL D . -3.39 -0.93 -12.92
O3 GOL D . -4.42 -1.02 -11.98
C1 GOL E . 2.23 8.88 13.70
O1 GOL E . 2.83 7.71 13.20
C2 GOL E . 1.21 9.42 12.70
O2 GOL E . 0.77 8.36 11.87
C3 GOL E . 0.02 10.00 13.46
O3 GOL E . -0.54 11.07 12.72
S SO4 F . 19.00 -6.35 9.21
O1 SO4 F . 20.45 -6.26 9.04
O2 SO4 F . 18.42 -5.03 9.07
O3 SO4 F . 18.46 -7.26 8.20
O4 SO4 F . 18.71 -6.87 10.54
N1A COA G . 15.21 10.31 9.92
C2A COA G . 14.58 11.72 10.07
N3A COA G . 13.84 12.12 11.08
C4A COA G . 13.58 11.49 11.91
C5A COA G . 14.04 10.05 12.08
C6A COA G . 14.84 9.38 11.16
N6A COA G . 15.27 8.04 11.29
N7A COA G . 13.41 9.85 13.30
C8A COA G . 12.87 10.65 13.69
N9A COA G . 12.88 11.50 13.12
C1B COA G . 12.15 12.64 13.60
C2B COA G . 12.82 13.95 13.46
O2B COA G . 13.52 14.30 14.68
C3B COA G . 11.76 14.92 13.22
O3B COA G . 11.26 15.45 14.49
P3B COA G . 10.32 16.74 14.51
O7A COA G . 8.95 16.39 13.98
O8A COA G . 10.94 17.81 13.65
O9A COA G . 10.20 17.23 15.93
C4B COA G . 10.66 14.19 12.57
O4B COA G . 10.86 12.74 12.89
C5B COA G . 10.69 14.39 11.11
O5B COA G . 11.42 13.34 10.48
P1A COA G . 11.45 13.31 8.85
O1A COA G . 11.01 11.94 8.36
O2A COA G . 12.85 13.63 8.36
O3A COA G . 10.43 14.42 8.30
P2A COA G . 10.86 15.91 7.86
O4A COA G . 11.67 15.82 6.59
O5A COA G . 11.70 16.56 8.93
O6A COA G . 9.56 16.78 7.61
CBP COA G . 8.49 17.19 5.46
CCP COA G . 8.52 16.34 6.73
CDP COA G . 7.25 18.06 5.46
CEP COA G . 9.68 18.15 5.48
CAP COA G . 8.64 16.31 4.22
OAP COA G . 9.63 15.34 4.46
C9P COA G . 7.39 15.58 3.70
O9P COA G . 6.34 15.54 4.30
N8P COA G . 7.52 14.88 2.44
C7P COA G . 6.36 14.16 1.85
C6P COA G . 6.41 12.68 2.15
C5P COA G . 4.98 12.15 1.99
O5P COA G . 4.16 12.80 1.35
N4P COA G . 4.59 10.91 2.59
C3P COA G . 3.26 10.43 2.45
C2P COA G . 2.84 9.93 3.80
S1P COA G . 1.17 9.34 3.74
#